data_3WK3
#
_entry.id   3WK3
#
_cell.length_a   57.985
_cell.length_b   103.466
_cell.length_c   73.628
_cell.angle_alpha   90.000
_cell.angle_beta   90.000
_cell.angle_gamma   90.000
#
_symmetry.space_group_name_H-M   'C 2 2 21'
#
loop_
_entity.id
_entity.type
_entity.pdbx_description
1 polymer "Orotidine 5'-phosphate decarboxylase"
2 non-polymer "6-(ethoxycarbonyl)uridine 5'-(dihydrogen phosphate)"
3 non-polymer GLYCEROL
4 water water
#
_entity_poly.entity_id   1
_entity_poly.type   'polypeptide(L)'
_entity_poly.pdbx_seq_one_letter_code
;GSHMRSRRVDVMDVMNRLILAMDLMNRDDALRVTGEVREYIDTVKIGYPLVLSEGMDIIAEFRKRFGCRIIADFAVADIP
ETNEKICRATFKAGADAIIVHGFPGADSVRACLNVAEEMGREVFLLTEMSHPGAEMFIQGAADEIARMGVDLGVKNYVGP
STRPERLSRLREIIGQDSFLISPGVGAQGGDPGETLRFADAIIVGRSIYLADNPAAAAAGIIESIKDLRIPEDPAANKAR
KEAELAAATAEQ
;
_entity_poly.pdbx_strand_id   A
#
loop_
_chem_comp.id
_chem_comp.type
_chem_comp.name
_chem_comp.formula
GOL non-polymer GLYCEROL 'C3 H8 O3'
O7E non-polymer '6-(ethoxycarbonyl)uridine 5'-(dihydrogen phosphate)' 'C12 H17 N2 O11 P'
#
# COMPACT_ATOMS: atom_id res chain seq x y z
N VAL A 14 -4.44 -8.23 -7.89
CA VAL A 14 -2.96 -8.44 -8.01
C VAL A 14 -2.65 -9.94 -8.00
N MET A 15 -1.54 -10.31 -8.60
CA MET A 15 -1.27 -11.70 -8.74
C MET A 15 -1.25 -12.37 -7.38
N ASN A 16 -2.08 -13.42 -7.24
CA ASN A 16 -2.12 -14.21 -6.04
C ASN A 16 -2.58 -13.41 -4.82
N ARG A 17 -3.11 -12.21 -5.04
N ARG A 17 -3.10 -12.20 -5.04
CA ARG A 17 -3.62 -11.33 -3.97
CA ARG A 17 -3.62 -11.37 -3.96
C ARG A 17 -2.51 -11.04 -2.96
C ARG A 17 -2.51 -11.03 -2.96
N LEU A 18 -1.26 -11.04 -3.42
CA LEU A 18 -0.10 -10.86 -2.52
C LEU A 18 0.80 -9.76 -3.03
N ILE A 19 1.06 -8.75 -2.20
CA ILE A 19 1.91 -7.62 -2.55
C ILE A 19 3.13 -7.69 -1.66
N LEU A 20 4.32 -7.66 -2.24
CA LEU A 20 5.56 -7.72 -1.45
C LEU A 20 5.88 -6.33 -0.90
N ALA A 21 6.10 -6.21 0.39
CA ALA A 21 6.62 -4.96 0.99
C ALA A 21 8.15 -5.08 1.00
N MET A 22 8.80 -4.40 0.06
CA MET A 22 10.25 -4.54 -0.08
C MET A 22 10.94 -3.47 0.73
N ASP A 23 11.17 -3.76 2.01
CA ASP A 23 11.78 -2.83 2.95
C ASP A 23 13.20 -3.18 3.32
N LEU A 24 13.85 -4.04 2.56
CA LEU A 24 15.31 -4.09 2.64
C LEU A 24 15.94 -2.80 2.19
N MET A 25 17.10 -2.47 2.72
CA MET A 25 17.70 -1.14 2.57
C MET A 25 18.90 -1.13 1.70
N ASN A 26 19.18 -2.28 1.10
N ASN A 26 19.23 -2.21 1.05
CA ASN A 26 20.36 -2.53 0.21
CA ASN A 26 20.30 -2.04 0.06
C ASN A 26 19.84 -2.89 -1.20
C ASN A 26 19.84 -2.77 -1.16
N ARG A 27 20.31 -2.21 -2.25
CA ARG A 27 19.81 -2.54 -3.57
C ARG A 27 20.06 -3.99 -3.94
N ASP A 28 21.24 -4.52 -3.62
CA ASP A 28 21.55 -5.89 -4.05
C ASP A 28 20.62 -6.88 -3.35
N ASP A 29 20.40 -6.71 -2.06
CA ASP A 29 19.54 -7.64 -1.32
C ASP A 29 18.08 -7.48 -1.84
N ALA A 30 17.62 -6.24 -2.05
CA ALA A 30 16.25 -6.00 -2.48
C ALA A 30 16.00 -6.60 -3.87
N LEU A 31 16.97 -6.45 -4.79
CA LEU A 31 16.85 -7.07 -6.09
C LEU A 31 16.87 -8.59 -6.03
N ARG A 32 17.71 -9.16 -5.18
CA ARG A 32 17.79 -10.64 -5.04
C ARG A 32 16.43 -11.17 -4.60
N VAL A 33 15.90 -10.63 -3.50
CA VAL A 33 14.68 -11.18 -2.94
C VAL A 33 13.50 -10.98 -3.91
N THR A 34 13.40 -9.78 -4.47
CA THR A 34 12.28 -9.50 -5.37
C THR A 34 12.33 -10.43 -6.58
N GLY A 35 13.53 -10.66 -7.11
CA GLY A 35 13.66 -11.59 -8.26
C GLY A 35 13.25 -12.99 -7.84
N GLU A 36 13.61 -13.42 -6.64
CA GLU A 36 13.32 -14.77 -6.20
C GLU A 36 11.81 -14.99 -6.04
N VAL A 37 11.03 -13.96 -5.74
CA VAL A 37 9.61 -14.16 -5.46
C VAL A 37 8.73 -13.64 -6.59
N ARG A 38 9.34 -13.13 -7.65
CA ARG A 38 8.56 -12.48 -8.73
C ARG A 38 7.58 -13.41 -9.45
N GLU A 39 7.84 -14.71 -9.45
CA GLU A 39 6.92 -15.64 -10.08
C GLU A 39 5.59 -15.67 -9.33
N TYR A 40 5.56 -15.22 -8.07
CA TYR A 40 4.39 -15.27 -7.18
C TYR A 40 3.64 -13.92 -6.93
C TYR A 40 3.67 -13.96 -7.14
N ILE A 41 4.09 -12.80 -7.49
N ILE A 41 4.42 -12.88 -7.36
CA ILE A 41 3.46 -11.45 -7.29
CA ILE A 41 4.04 -11.52 -7.00
C ILE A 41 3.43 -10.67 -8.62
C ILE A 41 4.35 -10.60 -8.16
N ASP A 42 2.60 -9.63 -8.72
N ASP A 42 3.34 -9.86 -8.62
CA ASP A 42 2.72 -8.69 -9.85
CA ASP A 42 3.49 -8.89 -9.72
C ASP A 42 2.83 -7.26 -9.37
C ASP A 42 3.36 -7.42 -9.26
N THR A 43 3.05 -7.10 -8.05
N THR A 43 3.14 -7.19 -7.93
CA THR A 43 2.99 -5.82 -7.39
C THR A 43 3.92 -5.75 -6.18
N VAL A 44 4.76 -4.73 -6.18
CA VAL A 44 5.73 -4.50 -5.11
C VAL A 44 5.45 -3.16 -4.50
N LYS A 45 5.43 -3.10 -3.18
CA LYS A 45 5.30 -1.86 -2.42
C LYS A 45 6.71 -1.45 -2.04
N ILE A 46 7.15 -0.27 -2.44
CA ILE A 46 8.46 0.30 -2.10
C ILE A 46 8.21 1.51 -1.25
N GLY A 47 8.88 1.60 -0.12
CA GLY A 47 8.72 2.70 0.81
C GLY A 47 10.02 3.46 1.00
N TYR A 48 10.00 4.32 2.00
CA TYR A 48 11.15 5.14 2.29
C TYR A 48 12.38 4.36 2.75
N PRO A 49 12.27 3.22 3.45
CA PRO A 49 13.53 2.51 3.81
C PRO A 49 14.38 2.25 2.59
N LEU A 50 13.81 1.75 1.51
CA LEU A 50 14.60 1.48 0.32
C LEU A 50 14.90 2.75 -0.47
N VAL A 51 13.91 3.62 -0.65
CA VAL A 51 14.11 4.82 -1.48
C VAL A 51 15.13 5.77 -0.83
N LEU A 52 15.09 5.96 0.48
CA LEU A 52 16.05 6.88 1.11
C LEU A 52 17.43 6.27 1.19
N SER A 53 17.59 4.98 1.01
CA SER A 53 18.90 4.33 1.03
C SER A 53 19.47 4.26 -0.36
N GLU A 54 18.67 4.09 -1.40
CA GLU A 54 19.16 3.80 -2.74
C GLU A 54 18.74 4.80 -3.80
N GLY A 55 17.82 5.71 -3.49
CA GLY A 55 17.35 6.75 -4.44
C GLY A 55 16.06 6.39 -5.14
N MET A 56 15.37 7.42 -5.59
CA MET A 56 14.11 7.27 -6.30
C MET A 56 14.24 6.49 -7.59
N ASP A 57 15.42 6.43 -8.20
CA ASP A 57 15.63 5.67 -9.41
C ASP A 57 15.36 4.19 -9.21
N ILE A 58 15.33 3.73 -7.97
CA ILE A 58 15.06 2.33 -7.71
C ILE A 58 13.67 1.95 -8.17
N ILE A 59 12.73 2.91 -8.19
CA ILE A 59 11.35 2.59 -8.58
C ILE A 59 11.31 2.16 -10.05
N ALA A 60 11.89 2.98 -10.93
CA ALA A 60 11.87 2.66 -12.35
C ALA A 60 12.71 1.41 -12.60
N GLU A 61 13.81 1.25 -11.85
CA GLU A 61 14.61 0.05 -12.05
C GLU A 61 13.80 -1.21 -11.76
N PHE A 62 13.08 -1.23 -10.65
CA PHE A 62 12.25 -2.38 -10.33
C PHE A 62 11.16 -2.60 -11.33
N ARG A 63 10.47 -1.50 -11.67
N ARG A 63 10.47 -1.51 -11.67
CA ARG A 63 9.35 -1.56 -12.57
CA ARG A 63 9.33 -1.61 -12.53
C ARG A 63 9.78 -2.25 -13.86
C ARG A 63 9.75 -2.23 -13.89
N LYS A 64 10.93 -1.84 -14.42
CA LYS A 64 11.47 -2.40 -15.66
C LYS A 64 12.01 -3.81 -15.50
N ARG A 65 12.88 -4.02 -14.51
N ARG A 65 12.86 -4.04 -14.49
CA ARG A 65 13.50 -5.33 -14.31
CA ARG A 65 13.53 -5.33 -14.32
C ARG A 65 12.47 -6.41 -14.14
C ARG A 65 12.60 -6.48 -13.95
N PHE A 66 11.50 -6.14 -13.29
CA PHE A 66 10.57 -7.14 -12.84
C PHE A 66 9.22 -7.04 -13.56
N GLY A 67 9.00 -5.97 -14.32
CA GLY A 67 7.71 -5.82 -15.00
C GLY A 67 6.57 -5.90 -14.01
N CYS A 68 6.76 -5.32 -12.84
N CYS A 68 6.81 -5.39 -12.80
CA CYS A 68 5.73 -5.26 -11.81
CA CYS A 68 5.82 -5.33 -11.72
C CYS A 68 5.04 -3.88 -11.79
C CYS A 68 5.33 -3.90 -11.54
N ARG A 69 3.94 -3.83 -11.04
N ARG A 69 4.08 -3.77 -11.11
CA ARG A 69 3.33 -2.57 -10.57
CA ARG A 69 3.62 -2.45 -10.72
C ARG A 69 4.13 -2.12 -9.32
C ARG A 69 4.18 -2.10 -9.36
N ILE A 70 4.35 -0.81 -9.13
CA ILE A 70 4.99 -0.32 -7.92
C ILE A 70 4.02 0.61 -7.21
N ILE A 71 3.77 0.29 -5.94
CA ILE A 71 3.08 1.20 -5.04
C ILE A 71 4.11 1.88 -4.19
N ALA A 72 4.16 3.22 -4.25
CA ALA A 72 5.12 4.00 -3.41
C ALA A 72 4.45 4.23 -2.07
N ASP A 73 4.93 3.54 -1.05
CA ASP A 73 4.39 3.67 0.28
C ASP A 73 5.06 4.80 1.01
N PHE A 74 4.59 6.02 0.75
CA PHE A 74 5.24 7.22 1.30
C PHE A 74 4.40 7.82 2.42
N ALA A 75 3.34 7.14 2.84
CA ALA A 75 2.53 7.55 4.02
C ALA A 75 2.34 9.07 4.01
N VAL A 76 1.89 9.60 2.88
CA VAL A 76 2.03 11.04 2.67
C VAL A 76 1.16 11.78 3.68
N ALA A 77 1.73 12.75 4.40
CA ALA A 77 1.06 13.27 5.57
C ALA A 77 1.41 14.75 5.79
N ASP A 78 1.38 15.55 4.75
CA ASP A 78 1.75 16.95 4.84
C ASP A 78 0.61 17.85 4.44
N ILE A 79 0.87 19.16 4.38
CA ILE A 79 -0.11 20.13 3.96
C ILE A 79 -0.35 19.94 2.45
N PRO A 80 -1.47 20.49 1.92
CA PRO A 80 -1.79 20.24 0.50
C PRO A 80 -0.66 20.57 -0.47
N GLU A 81 0.02 21.72 -0.31
CA GLU A 81 0.98 22.14 -1.29
C GLU A 81 2.20 21.23 -1.29
N THR A 82 2.60 20.74 -0.11
CA THR A 82 3.72 19.84 -0.01
C THR A 82 3.34 18.45 -0.55
N ASN A 83 2.14 18.00 -0.19
CA ASN A 83 1.65 16.73 -0.72
C ASN A 83 1.66 16.73 -2.25
N GLU A 84 1.26 17.85 -2.86
N GLU A 84 1.27 17.81 -2.90
CA GLU A 84 1.25 17.97 -4.30
CA GLU A 84 1.25 17.79 -4.35
C GLU A 84 2.65 17.64 -4.85
C GLU A 84 2.68 17.66 -4.91
N LYS A 85 3.65 18.31 -4.28
N LYS A 85 3.66 18.31 -4.26
CA LYS A 85 5.03 18.18 -4.71
CA LYS A 85 5.05 18.17 -4.73
C LYS A 85 5.54 16.75 -4.55
C LYS A 85 5.55 16.74 -4.56
N ILE A 86 5.24 16.12 -3.41
CA ILE A 86 5.66 14.74 -3.17
C ILE A 86 5.05 13.83 -4.20
N CYS A 87 3.73 13.99 -4.44
CA CYS A 87 3.08 13.14 -5.44
C CYS A 87 3.67 13.32 -6.82
N ARG A 88 3.93 14.54 -7.23
N ARG A 88 3.93 14.57 -7.23
CA ARG A 88 4.43 14.74 -8.56
CA ARG A 88 4.54 14.88 -8.54
C ARG A 88 5.82 14.10 -8.68
C ARG A 88 5.85 14.15 -8.70
N ALA A 89 6.70 14.29 -7.68
CA ALA A 89 8.02 13.67 -7.73
C ALA A 89 7.92 12.16 -7.80
N THR A 90 6.94 11.60 -7.11
CA THR A 90 6.80 10.14 -7.01
C THR A 90 6.31 9.54 -8.32
N PHE A 91 5.31 10.20 -8.93
CA PHE A 91 4.82 9.71 -10.22
C PHE A 91 5.83 9.98 -11.34
N LYS A 92 6.59 11.04 -11.26
CA LYS A 92 7.65 11.28 -12.23
C LYS A 92 8.68 10.16 -12.16
N ALA A 93 8.91 9.58 -10.97
CA ALA A 93 9.83 8.46 -10.80
C ALA A 93 9.25 7.15 -11.27
N GLY A 94 7.99 7.12 -11.69
CA GLY A 94 7.45 5.92 -12.30
C GLY A 94 6.51 5.13 -11.44
N ALA A 95 6.20 5.58 -10.21
CA ALA A 95 5.31 4.78 -9.38
C ALA A 95 3.91 4.70 -10.00
N ASP A 96 3.24 3.58 -9.85
CA ASP A 96 1.86 3.42 -10.30
C ASP A 96 0.85 4.03 -9.36
N ALA A 97 1.17 4.04 -8.07
CA ALA A 97 0.25 4.49 -7.05
C ALA A 97 1.02 4.99 -5.87
N ILE A 98 0.40 5.77 -5.00
CA ILE A 98 1.03 6.26 -3.81
C ILE A 98 0.08 6.08 -2.63
N ILE A 99 0.59 5.75 -1.46
CA ILE A 99 -0.18 5.65 -0.23
C ILE A 99 -0.13 6.94 0.52
N VAL A 100 -1.32 7.42 0.90
N VAL A 100 -1.30 7.46 0.88
CA VAL A 100 -1.57 8.74 1.48
CA VAL A 100 -1.40 8.74 1.56
C VAL A 100 -2.28 8.56 2.83
C VAL A 100 -2.26 8.60 2.81
N HIS A 101 -1.84 9.23 3.87
CA HIS A 101 -2.63 9.25 5.12
C HIS A 101 -3.88 10.10 4.95
N GLY A 102 -4.97 9.62 5.55
CA GLY A 102 -6.19 10.43 5.67
C GLY A 102 -6.25 11.31 6.89
N PHE A 103 -5.49 11.04 7.95
N PHE A 103 -5.49 11.03 7.94
CA PHE A 103 -5.57 11.83 9.20
CA PHE A 103 -5.70 11.75 9.17
C PHE A 103 -5.32 13.37 8.95
C PHE A 103 -5.45 13.22 9.07
N PRO A 104 -4.51 13.78 7.94
N PRO A 104 -4.51 13.68 8.23
CA PRO A 104 -4.35 15.25 7.74
CA PRO A 104 -4.37 15.14 8.07
C PRO A 104 -5.57 15.95 7.17
C PRO A 104 -5.57 15.88 7.42
N GLY A 105 -6.56 15.17 6.83
CA GLY A 105 -7.81 15.80 6.38
C GLY A 105 -7.98 15.91 4.89
N ALA A 106 -9.14 16.44 4.51
CA ALA A 106 -9.62 16.27 3.14
C ALA A 106 -8.86 17.06 2.12
N ASP A 107 -8.41 18.26 2.45
CA ASP A 107 -7.62 19.05 1.50
C ASP A 107 -6.29 18.39 1.21
N SER A 108 -5.64 17.80 2.20
CA SER A 108 -4.38 17.07 1.97
C SER A 108 -4.60 15.88 1.05
N VAL A 109 -5.69 15.17 1.25
CA VAL A 109 -5.99 14.02 0.38
C VAL A 109 -6.32 14.50 -1.05
N ARG A 110 -7.16 15.51 -1.16
N ARG A 110 -7.16 15.51 -1.16
CA ARG A 110 -7.55 16.05 -2.45
CA ARG A 110 -7.55 16.04 -2.46
C ARG A 110 -6.34 16.50 -3.26
C ARG A 110 -6.33 16.49 -3.26
N ALA A 111 -5.35 17.09 -2.62
CA ALA A 111 -4.15 17.50 -3.33
C ALA A 111 -3.50 16.33 -4.01
N CYS A 112 -3.43 15.19 -3.34
CA CYS A 112 -2.85 13.98 -3.93
C CYS A 112 -3.71 13.43 -5.04
N LEU A 113 -5.03 13.42 -4.85
CA LEU A 113 -5.96 12.99 -5.89
C LEU A 113 -5.82 13.83 -7.13
N ASN A 114 -5.65 15.12 -6.98
CA ASN A 114 -5.48 16.00 -8.15
C ASN A 114 -4.25 15.67 -8.95
N VAL A 115 -3.14 15.46 -8.28
CA VAL A 115 -1.94 15.08 -9.02
C VAL A 115 -2.11 13.73 -9.69
N ALA A 116 -2.67 12.77 -8.98
CA ALA A 116 -2.91 11.47 -9.60
C ALA A 116 -3.79 11.60 -10.83
N GLU A 117 -4.82 12.45 -10.80
N GLU A 117 -4.81 12.44 -10.79
CA GLU A 117 -5.69 12.67 -11.97
CA GLU A 117 -5.66 12.59 -11.97
C GLU A 117 -4.89 13.29 -13.11
C GLU A 117 -4.84 13.16 -13.12
N GLU A 118 -4.00 14.23 -12.79
N GLU A 118 -4.04 14.19 -12.86
CA GLU A 118 -3.17 14.87 -13.78
CA GLU A 118 -3.25 14.80 -13.94
C GLU A 118 -2.24 13.91 -14.47
C GLU A 118 -2.25 13.83 -14.56
N MET A 119 -1.76 12.92 -13.74
CA MET A 119 -0.67 12.09 -14.22
CA MET A 119 -0.66 12.01 -14.06
C MET A 119 -1.11 10.67 -14.52
N GLY A 120 -2.42 10.40 -14.46
CA GLY A 120 -2.97 9.08 -14.77
C GLY A 120 -2.60 7.97 -13.81
N ARG A 121 -2.50 8.30 -12.52
N ARG A 121 -2.53 8.27 -12.52
CA ARG A 121 -2.05 7.39 -11.45
CA ARG A 121 -2.09 7.29 -11.53
C ARG A 121 -3.16 7.17 -10.42
C ARG A 121 -3.13 7.23 -10.39
N GLU A 122 -2.82 6.46 -9.35
CA GLU A 122 -3.79 6.15 -8.29
C GLU A 122 -3.29 6.50 -6.91
N VAL A 123 -4.23 6.89 -6.07
CA VAL A 123 -4.01 7.12 -4.66
C VAL A 123 -4.64 5.98 -3.84
N PHE A 124 -3.90 5.46 -2.87
CA PHE A 124 -4.43 4.59 -1.82
C PHE A 124 -4.54 5.37 -0.54
N LEU A 125 -5.70 5.35 0.09
CA LEU A 125 -5.91 6.06 1.36
C LEU A 125 -5.68 5.14 2.54
N LEU A 126 -4.71 5.47 3.37
CA LEU A 126 -4.43 4.77 4.61
C LEU A 126 -5.40 5.28 5.68
N THR A 127 -6.20 4.35 6.25
N THR A 127 -6.34 4.41 6.10
CA THR A 127 -7.38 4.69 7.05
CA THR A 127 -7.25 4.81 7.15
C THR A 127 -7.22 4.45 8.55
C THR A 127 -6.64 4.34 8.53
N GLU A 128 -6.62 3.30 8.86
N GLU A 128 -7.02 3.17 9.08
CA GLU A 128 -6.35 2.84 10.22
CA GLU A 128 -6.45 2.71 10.32
C GLU A 128 -5.10 1.97 10.09
C GLU A 128 -5.08 2.04 10.03
N MET A 129 -4.12 2.25 10.94
CA MET A 129 -2.83 1.57 10.90
C MET A 129 -2.84 0.28 11.71
N SER A 130 -1.84 -0.55 11.47
CA SER A 130 -1.82 -1.93 12.00
C SER A 130 -1.10 -2.09 13.33
N HIS A 131 -0.30 -1.13 13.76
CA HIS A 131 0.55 -1.31 14.93
C HIS A 131 -0.22 -0.93 16.22
N PRO A 132 0.31 -1.31 17.39
CA PRO A 132 -0.45 -1.06 18.61
C PRO A 132 -0.78 0.40 18.86
N GLY A 133 0.13 1.31 18.54
CA GLY A 133 -0.09 2.73 18.77
C GLY A 133 -1.23 3.32 17.96
N ALA A 134 -1.63 2.63 16.88
CA ALA A 134 -2.78 3.10 16.10
C ALA A 134 -4.02 3.23 16.97
N GLU A 135 -4.09 2.49 18.09
CA GLU A 135 -5.28 2.61 18.94
C GLU A 135 -5.40 3.95 19.61
N MET A 136 -4.30 4.70 19.78
CA MET A 136 -4.34 5.92 20.56
C MET A 136 -5.16 7.00 19.93
N PHE A 137 -4.91 7.30 18.66
CA PHE A 137 -5.56 8.43 17.99
C PHE A 137 -6.18 8.01 16.66
N ILE A 138 -5.52 7.19 15.89
CA ILE A 138 -6.05 6.91 14.54
C ILE A 138 -7.32 6.09 14.54
N GLN A 139 -7.40 5.08 15.40
CA GLN A 139 -8.54 4.18 15.36
C GLN A 139 -9.83 4.94 15.60
N GLY A 140 -9.87 5.86 16.57
CA GLY A 140 -11.09 6.64 16.82
C GLY A 140 -11.52 7.52 15.69
N ALA A 141 -10.62 7.86 14.78
CA ALA A 141 -10.95 8.70 13.61
C ALA A 141 -11.16 7.87 12.36
N ALA A 142 -10.83 6.57 12.38
CA ALA A 142 -10.65 5.83 11.15
C ALA A 142 -11.94 5.67 10.38
N ASP A 143 -13.08 5.45 11.04
CA ASP A 143 -14.32 5.32 10.27
C ASP A 143 -14.63 6.63 9.54
N GLU A 144 -14.44 7.76 10.21
N GLU A 144 -14.42 7.75 10.20
CA GLU A 144 -14.66 9.06 9.58
CA GLU A 144 -14.66 9.03 9.56
C GLU A 144 -13.66 9.26 8.45
C GLU A 144 -13.63 9.35 8.49
N ILE A 145 -12.40 8.88 8.65
CA ILE A 145 -11.41 9.02 7.57
C ILE A 145 -11.86 8.21 6.33
N ALA A 146 -12.35 6.99 6.56
CA ALA A 146 -12.84 6.20 5.45
C ALA A 146 -14.04 6.85 4.75
N ARG A 147 -14.99 7.36 5.53
N ARG A 147 -14.98 7.37 5.52
CA ARG A 147 -16.13 8.05 4.93
CA ARG A 147 -16.12 8.02 4.93
C ARG A 147 -15.70 9.27 4.14
C ARG A 147 -15.67 9.24 4.11
N MET A 148 -14.71 9.99 4.64
CA MET A 148 -14.13 11.12 3.92
C MET A 148 -13.57 10.63 2.58
N GLY A 149 -12.84 9.52 2.61
CA GLY A 149 -12.37 8.94 1.35
C GLY A 149 -13.48 8.68 0.37
N VAL A 150 -14.53 8.04 0.86
CA VAL A 150 -15.66 7.75 -0.05
C VAL A 150 -16.20 9.06 -0.65
N ASP A 151 -16.34 10.08 0.17
N ASP A 151 -16.37 10.06 0.19
CA ASP A 151 -16.92 11.34 -0.31
CA ASP A 151 -16.89 11.37 -0.27
C ASP A 151 -15.98 12.14 -1.21
C ASP A 151 -15.99 11.96 -1.36
N LEU A 152 -14.67 11.82 -1.17
CA LEU A 152 -13.70 12.40 -2.11
C LEU A 152 -13.58 11.56 -3.38
N GLY A 153 -14.22 10.41 -3.45
CA GLY A 153 -14.09 9.59 -4.63
C GLY A 153 -12.89 8.63 -4.60
N VAL A 154 -12.27 8.44 -3.43
CA VAL A 154 -11.14 7.48 -3.33
C VAL A 154 -11.69 6.08 -3.61
N LYS A 155 -10.92 5.29 -4.36
CA LYS A 155 -11.33 3.96 -4.71
C LYS A 155 -10.42 2.87 -4.16
N ASN A 156 -9.29 3.26 -3.55
CA ASN A 156 -8.28 2.33 -3.07
C ASN A 156 -7.91 2.70 -1.67
N TYR A 157 -7.86 1.71 -0.79
CA TYR A 157 -7.75 1.92 0.66
C TYR A 157 -6.75 0.91 1.26
N VAL A 158 -6.22 1.29 2.41
CA VAL A 158 -5.33 0.45 3.20
C VAL A 158 -5.88 0.36 4.63
N GLY A 159 -6.01 -0.85 5.16
CA GLY A 159 -6.45 -1.03 6.53
C GLY A 159 -5.80 -2.28 7.13
N PRO A 160 -5.98 -2.51 8.43
CA PRO A 160 -5.01 -3.34 9.21
C PRO A 160 -5.37 -4.83 9.31
N SER A 161 -4.42 -5.67 8.95
CA SER A 161 -4.59 -7.12 9.06
C SER A 161 -4.69 -7.53 10.51
N THR A 162 -4.04 -6.79 11.40
CA THR A 162 -4.01 -7.08 12.83
C THR A 162 -5.34 -6.88 13.50
N ARG A 163 -6.31 -6.25 12.84
CA ARG A 163 -7.63 -6.04 13.45
C ARG A 163 -8.70 -6.35 12.41
N PRO A 164 -9.02 -7.64 12.21
CA PRO A 164 -9.95 -7.96 11.12
C PRO A 164 -11.37 -7.43 11.37
N GLU A 165 -11.76 -7.21 12.65
CA GLU A 165 -13.04 -6.58 12.89
C GLU A 165 -13.06 -5.13 12.39
N ARG A 166 -11.92 -4.45 12.50
CA ARG A 166 -11.79 -3.08 11.97
C ARG A 166 -11.75 -3.15 10.43
N LEU A 167 -11.03 -4.14 9.93
N LEU A 167 -11.10 -4.15 9.82
CA LEU A 167 -10.92 -4.30 8.52
CA LEU A 167 -11.18 -4.33 8.33
C LEU A 167 -12.31 -4.55 7.93
C LEU A 167 -12.55 -4.52 7.87
N SER A 168 -13.24 -5.31 8.62
CA SER A 168 -14.58 -5.55 8.18
C SER A 168 -15.39 -4.28 8.21
N ARG A 169 -15.27 -3.47 9.26
CA ARG A 169 -15.98 -2.19 9.33
C ARG A 169 -15.51 -1.27 8.16
N LEU A 170 -14.21 -1.22 7.89
N LEU A 170 -14.22 -1.23 7.87
CA LEU A 170 -13.67 -0.42 6.78
CA LEU A 170 -13.74 -0.37 6.80
C LEU A 170 -14.34 -0.86 5.48
C LEU A 170 -14.26 -0.86 5.44
N ARG A 171 -14.30 -2.17 5.23
CA ARG A 171 -14.94 -2.70 4.03
C ARG A 171 -16.38 -2.31 3.96
N GLU A 172 -17.10 -2.34 5.09
CA GLU A 172 -18.51 -1.95 5.10
C GLU A 172 -18.68 -0.51 4.64
N ILE A 173 -17.78 0.38 5.06
CA ILE A 173 -17.88 1.79 4.69
C ILE A 173 -17.59 1.98 3.20
N ILE A 174 -16.50 1.38 2.71
CA ILE A 174 -16.04 1.66 1.36
C ILE A 174 -16.79 0.90 0.30
N GLY A 175 -17.55 -0.11 0.67
CA GLY A 175 -18.26 -0.93 -0.31
C GLY A 175 -17.44 -1.98 -1.01
N GLN A 176 -18.12 -2.81 -1.80
N GLN A 176 -18.09 -2.88 -1.75
CA GLN A 176 -17.53 -3.99 -2.41
CA GLN A 176 -17.39 -4.01 -2.35
C GLN A 176 -16.71 -3.69 -3.64
C GLN A 176 -16.58 -3.64 -3.59
N ASP A 177 -16.96 -2.54 -4.24
CA ASP A 177 -16.28 -2.14 -5.47
C ASP A 177 -14.92 -1.51 -5.18
N SER A 178 -14.73 -0.90 -4.01
CA SER A 178 -13.42 -0.30 -3.69
C SER A 178 -12.38 -1.41 -3.50
N PHE A 179 -11.12 -1.09 -3.76
CA PHE A 179 -10.01 -2.00 -3.63
C PHE A 179 -9.34 -1.75 -2.28
N LEU A 180 -9.14 -2.81 -1.52
CA LEU A 180 -8.62 -2.70 -0.15
C LEU A 180 -7.41 -3.62 -0.01
N ILE A 181 -6.27 -3.05 0.39
CA ILE A 181 -5.09 -3.85 0.64
C ILE A 181 -4.75 -3.73 2.11
N SER A 182 -4.02 -4.72 2.63
CA SER A 182 -3.89 -4.81 4.09
C SER A 182 -2.53 -5.31 4.54
N PRO A 183 -1.77 -4.48 5.26
CA PRO A 183 -0.52 -4.90 5.86
C PRO A 183 -0.72 -5.36 7.31
N GLY A 184 0.33 -5.95 7.85
CA GLY A 184 0.33 -6.53 9.18
C GLY A 184 0.19 -8.05 9.19
N VAL A 185 0.35 -8.70 8.03
CA VAL A 185 0.30 -10.13 7.91
C VAL A 185 1.65 -10.75 8.25
N GLY A 186 1.68 -11.74 9.11
CA GLY A 186 2.91 -12.48 9.43
C GLY A 186 3.62 -11.85 10.60
N ALA A 187 4.65 -11.04 10.37
CA ALA A 187 5.44 -10.52 11.46
C ALA A 187 4.62 -9.79 12.50
N GLN A 188 3.66 -8.98 12.08
CA GLN A 188 2.85 -8.23 13.03
C GLN A 188 1.73 -9.04 13.67
N GLY A 189 1.49 -10.26 13.17
CA GLY A 189 0.51 -11.17 13.82
C GLY A 189 -0.70 -11.46 12.98
N GLY A 190 -0.92 -10.76 11.88
CA GLY A 190 -2.12 -10.98 11.06
C GLY A 190 -2.04 -12.27 10.28
N ASP A 191 -3.22 -12.77 9.90
CA ASP A 191 -3.35 -14.03 9.18
C ASP A 191 -3.77 -13.82 7.75
N PRO A 192 -3.11 -14.49 6.78
CA PRO A 192 -3.51 -14.27 5.39
C PRO A 192 -4.95 -14.52 5.10
N GLY A 193 -5.42 -15.71 5.43
CA GLY A 193 -6.77 -16.05 5.07
C GLY A 193 -7.86 -15.22 5.72
N GLU A 194 -7.73 -14.95 7.02
CA GLU A 194 -8.68 -14.12 7.69
C GLU A 194 -8.72 -12.72 7.07
N THR A 195 -7.55 -12.17 6.77
CA THR A 195 -7.45 -10.80 6.24
C THR A 195 -8.14 -10.72 4.88
N LEU A 196 -7.99 -11.77 4.08
CA LEU A 196 -8.58 -11.84 2.75
C LEU A 196 -10.07 -12.11 2.76
N ARG A 197 -10.69 -12.29 3.93
CA ARG A 197 -12.13 -12.25 4.02
C ARG A 197 -12.63 -10.87 3.69
N PHE A 198 -11.81 -9.85 3.94
CA PHE A 198 -12.24 -8.45 3.79
C PHE A 198 -11.41 -7.67 2.79
N ALA A 199 -10.11 -7.90 2.77
CA ALA A 199 -9.20 -7.18 1.86
C ALA A 199 -9.13 -7.93 0.54
N ASP A 200 -8.93 -7.20 -0.55
CA ASP A 200 -8.62 -7.82 -1.84
C ASP A 200 -7.23 -8.40 -1.94
N ALA A 201 -6.26 -7.78 -1.26
CA ALA A 201 -4.87 -8.26 -1.31
C ALA A 201 -4.23 -7.99 0.05
N ILE A 202 -3.26 -8.83 0.35
CA ILE A 202 -2.44 -8.66 1.53
C ILE A 202 -1.06 -8.16 1.17
N ILE A 203 -0.51 -7.31 2.02
CA ILE A 203 0.87 -6.88 1.95
C ILE A 203 1.67 -7.72 2.92
N VAL A 204 2.81 -8.24 2.47
CA VAL A 204 3.71 -9.03 3.29
C VAL A 204 5.12 -8.59 3.07
N GLY A 205 5.78 -8.22 4.16
CA GLY A 205 7.20 -7.81 4.12
C GLY A 205 8.08 -8.87 4.75
N ARG A 206 8.39 -8.70 6.05
CA ARG A 206 9.41 -9.52 6.74
C ARG A 206 9.18 -11.01 6.62
N SER A 207 7.97 -11.49 6.70
CA SER A 207 7.75 -12.95 6.62
C SER A 207 8.27 -13.51 5.32
N ILE A 208 8.36 -12.70 4.28
CA ILE A 208 9.02 -13.11 3.04
C ILE A 208 10.48 -12.65 3.01
N TYR A 209 10.78 -11.37 3.18
CA TYR A 209 12.11 -10.89 2.86
C TYR A 209 13.17 -11.23 3.89
N LEU A 210 12.79 -11.61 5.11
CA LEU A 210 13.74 -12.10 6.11
C LEU A 210 13.77 -13.60 6.17
N ALA A 211 12.99 -14.29 5.37
CA ALA A 211 12.96 -15.76 5.42
C ALA A 211 14.26 -16.33 4.87
N ASP A 212 14.64 -17.50 5.36
CA ASP A 212 15.82 -18.16 4.77
C ASP A 212 15.56 -18.45 3.29
N ASN A 213 14.33 -18.70 2.89
CA ASN A 213 13.97 -18.99 1.50
C ASN A 213 12.72 -18.14 1.18
N PRO A 214 12.91 -16.91 0.72
CA PRO A 214 11.75 -16.09 0.39
C PRO A 214 10.77 -16.65 -0.57
N ALA A 215 11.24 -17.35 -1.58
CA ALA A 215 10.33 -17.97 -2.54
C ALA A 215 9.45 -19.03 -1.85
N ALA A 216 10.04 -19.84 -0.98
CA ALA A 216 9.28 -20.85 -0.25
C ALA A 216 8.29 -20.18 0.68
N ALA A 217 8.71 -19.08 1.33
CA ALA A 217 7.78 -18.33 2.22
C ALA A 217 6.60 -17.80 1.39
N ALA A 218 6.87 -17.18 0.24
CA ALA A 218 5.79 -16.64 -0.60
C ALA A 218 4.90 -17.79 -1.06
N ALA A 219 5.49 -18.89 -1.49
CA ALA A 219 4.73 -20.02 -2.02
C ALA A 219 3.83 -20.58 -0.95
N GLY A 220 4.31 -20.64 0.27
CA GLY A 220 3.51 -21.15 1.37
C GLY A 220 2.31 -20.27 1.67
N ILE A 221 2.53 -18.96 1.65
CA ILE A 221 1.42 -18.03 1.82
C ILE A 221 0.40 -18.25 0.73
N ILE A 222 0.84 -18.34 -0.53
CA ILE A 222 -0.04 -18.48 -1.68
C ILE A 222 -0.87 -19.77 -1.63
N GLU A 223 -0.23 -20.85 -1.20
CA GLU A 223 -0.92 -22.12 -1.05
C GLU A 223 -2.01 -22.00 0.00
N SER A 224 -1.81 -21.14 0.98
CA SER A 224 -2.90 -20.92 1.93
C SER A 224 -3.99 -19.98 1.33
N ILE A 225 -3.62 -19.07 0.43
CA ILE A 225 -4.59 -18.17 -0.24
C ILE A 225 -5.46 -18.96 -1.24
N LYS A 226 -4.83 -19.80 -2.05
CA LYS A 226 -5.55 -20.61 -3.03
C LYS A 226 -6.61 -21.48 -2.36
N ASP A 227 -6.30 -21.96 -1.16
CA ASP A 227 -7.23 -22.82 -0.43
C ASP A 227 -8.52 -22.10 -0.05
N LEU A 228 -8.46 -20.78 0.04
CA LEU A 228 -9.65 -19.98 0.38
C LEU A 228 -10.83 -20.23 -0.55
O3P O7E B . 5.03 -7.48 6.75
P O7E B . 5.76 -6.35 7.41
O1P O7E B . 5.19 -6.06 8.78
O2P O7E B . 7.26 -6.54 7.44
O5' O7E B . 5.60 -5.05 6.49
C5' O7E B . 4.44 -4.19 6.60
C4' O7E B . 4.68 -3.08 5.59
O4' O7E B . 3.47 -2.31 5.43
C3' O7E B . 5.73 -2.08 6.03
O3' O7E B . 6.32 -1.44 4.88
C2' O7E B . 4.92 -1.06 6.80
O2' O7E B . 5.60 0.19 6.87
C1' O7E B . 3.64 -1.03 6.00
N1 O7E B . 2.44 -0.64 6.76
C2 O7E B . 2.07 -1.32 7.87
O2 O7E B . 2.68 -2.33 8.25
N3 O7E B . 1.00 -0.88 8.59
C4 O7E B . 0.30 0.24 8.30
O4 O7E B . -0.68 0.51 9.04
C5 O7E B . 0.66 0.96 7.18
C6 O7E B . 1.71 0.49 6.39
C7 O7E B . 1.88 1.15 5.09
C7 O7E B . 1.39 0.54 4.89
O71 O7E B . 1.63 0.56 4.07
O71 O7E B . 1.77 -0.27 4.02
O72 O7E B . 2.38 2.48 5.03
O72 O7E B . 0.65 1.64 4.34
C8 O7E B . 2.25 3.85 5.52
C8 O7E B . 1.42 2.77 3.87
C9 O7E B . 2.47 3.94 7.05
C9 O7E B . 1.41 3.91 4.87
C1 GOL C . 16.24 -19.91 -2.93
O1 GOL C . 16.13 -19.01 -1.85
C2 GOL C . 16.09 -19.33 -4.32
O2 GOL C . 14.72 -18.95 -4.62
C3 GOL C . 16.60 -20.38 -5.32
O3 GOL C . 15.80 -21.54 -5.33
C1 GOL D . 8.84 -20.98 4.35
O1 GOL D . 8.12 -22.06 3.79
C2 GOL D . 10.32 -21.27 4.28
O2 GOL D . 10.74 -21.96 5.45
C3 GOL D . 11.06 -19.94 4.10
O3 GOL D . 12.34 -19.93 4.70
#